data_6XEG
#
_entry.id   6XEG
#
_cell.length_a   88.644
_cell.length_b   88.644
_cell.length_c   104.691
_cell.angle_alpha   90.000
_cell.angle_beta   90.000
_cell.angle_gamma   120.000
#
_symmetry.space_group_name_H-M   'P 31 2 1'
#
loop_
_entity.id
_entity.type
_entity.pdbx_description
1 polymer 'Tyrosine-protein phosphatase non-receptor type 1'
2 non-polymer 2-AMINO-2-HYDROXYMETHYL-PROPANE-1,3-DIOL
3 non-polymer BENZAMIDINE
4 non-polymer 'MAGNESIUM ION'
5 non-polymer TUNGSTATE(VI)ION
6 water water
#
_entity_poly.entity_id   1
_entity_poly.type   'polypeptide(L)'
_entity_poly.pdbx_seq_one_letter_code
;MEMEKEFEQIDKSGSWAAIYQDIRHEASDFPCRVAKLPKNKNRNRYRDVSPFDHSRIKLHQEDNDYINASLIKMEEAQRS
YILTQGPLPNTCGHFWEMVWEQKSRGVVMLNRVMEKGSLKCAQYWPQKEEKEMIFEDTNLKLTLISEDIKSYYTVRQLEL
ENLTTQETREILHFHYTNWPDQTAPESPASFLNFLFKVRESGSLSPEHGPVVVHCSAGIGRSGTFCLADTCLLLMDKRKD
PSSVDIKKVLLEMRKFRMGLIQTADQLRFSYLAVIEGAKFIMGDSSVQDQWKELSHEDLEPPPEHIPPPPRPPKRILEPH
N
;
_entity_poly.pdbx_strand_id   A
#
loop_
_chem_comp.id
_chem_comp.type
_chem_comp.name
_chem_comp.formula
BEN non-polymer BENZAMIDINE 'C7 H8 N2'
MG non-polymer 'MAGNESIUM ION' 'Mg 2'
TRS non-polymer 2-AMINO-2-HYDROXYMETHYL-PROPANE-1,3-DIOL 'C4 H12 N O3 1'
WO4 non-polymer TUNGSTATE(VI)ION 'O4 W -2'
#
# COMPACT_ATOMS: atom_id res chain seq x y z
N MET A 1 -0.23 13.21 -20.81
CA MET A 1 -0.04 13.54 -22.23
C MET A 1 1.34 13.08 -22.68
N GLU A 2 2.38 13.79 -22.25
CA GLU A 2 3.76 13.36 -22.51
C GLU A 2 4.05 12.03 -21.82
N MET A 3 3.40 11.76 -20.69
CA MET A 3 3.49 10.44 -20.08
C MET A 3 3.06 9.36 -21.06
N GLU A 4 2.01 9.65 -21.83
CA GLU A 4 1.56 8.69 -22.86
C GLU A 4 2.61 8.51 -23.95
N LYS A 5 3.18 9.61 -24.45
CA LYS A 5 4.17 9.51 -25.53
C LYS A 5 5.37 8.69 -25.08
N GLU A 6 5.89 8.97 -23.88
CA GLU A 6 7.00 8.18 -23.33
C GLU A 6 6.64 6.70 -23.27
N PHE A 7 5.43 6.38 -22.80
CA PHE A 7 5.00 4.98 -22.72
C PHE A 7 5.12 4.30 -24.07
N GLU A 8 4.57 4.93 -25.12
CA GLU A 8 4.60 4.34 -26.46
C GLU A 8 6.03 4.11 -26.95
N GLN A 9 6.94 5.01 -26.57
CA GLN A 9 8.32 4.90 -27.04
C GLN A 9 9.07 3.78 -26.32
N ILE A 10 8.84 3.63 -25.01
CA ILE A 10 9.47 2.55 -24.26
C ILE A 10 8.99 1.21 -24.80
N ASP A 11 7.68 1.09 -25.07
CA ASP A 11 7.11 -0.15 -25.59
C ASP A 11 7.63 -0.45 -27.01
N LYS A 12 7.62 0.55 -27.90
CA LYS A 12 8.15 0.33 -29.24
C LYS A 12 9.66 0.09 -29.24
N SER A 13 10.33 0.21 -28.08
CA SER A 13 11.75 -0.06 -27.93
C SER A 13 12.04 -1.22 -27.01
N GLY A 14 11.03 -1.80 -26.35
CA GLY A 14 11.25 -2.92 -25.46
C GLY A 14 12.13 -2.64 -24.27
N SER A 15 12.42 -1.36 -23.99
CA SER A 15 13.41 -0.98 -23.00
C SER A 15 12.84 -0.82 -21.60
N TRP A 16 11.79 -1.58 -21.24
CA TRP A 16 11.25 -1.46 -19.88
C TRP A 16 12.21 -2.03 -18.85
N ALA A 17 12.89 -3.14 -19.17
CA ALA A 17 13.88 -3.69 -18.26
C ALA A 17 15.00 -2.69 -18.01
N ALA A 18 15.43 -1.98 -19.06
CA ALA A 18 16.48 -0.98 -18.91
C ALA A 18 15.99 0.23 -18.10
N ILE A 19 14.81 0.75 -18.45
CA ILE A 19 14.24 1.87 -17.71
C ILE A 19 14.09 1.52 -16.24
N TYR A 20 13.58 0.32 -15.95
CA TYR A 20 13.39 -0.09 -14.57
C TYR A 20 14.72 -0.22 -13.86
N GLN A 21 15.72 -0.78 -14.54
CA GLN A 21 16.99 -1.04 -13.89
C GLN A 21 17.70 0.27 -13.53
N ASP A 22 17.75 1.23 -14.45
CA ASP A 22 18.40 2.48 -14.09
C ASP A 22 17.63 3.22 -13.01
N ILE A 23 16.35 2.93 -12.81
CA ILE A 23 15.67 3.41 -11.62
C ILE A 23 16.30 2.80 -10.38
N ARG A 24 16.58 1.49 -10.42
CA ARG A 24 17.20 0.86 -9.26
C ARG A 24 18.61 1.41 -9.02
N HIS A 25 19.35 1.68 -10.09
CA HIS A 25 20.71 2.19 -9.93
C HIS A 25 20.70 3.60 -9.36
N GLU A 26 19.66 4.37 -9.64
CA GLU A 26 19.59 5.74 -9.14
C GLU A 26 18.96 5.85 -7.76
N ALA A 27 18.32 4.79 -7.25
CA ALA A 27 17.49 4.90 -6.06
C ALA A 27 18.29 5.21 -4.80
N SER A 28 17.68 5.97 -3.89
CA SER A 28 18.28 6.36 -2.63
C SER A 28 18.81 5.15 -1.86
N ASP A 29 19.90 5.36 -1.12
CA ASP A 29 20.47 4.35 -0.25
C ASP A 29 20.69 4.98 1.13
N PHE A 30 19.96 4.49 2.14
CA PHE A 30 20.02 5.03 3.49
C PHE A 30 20.20 3.90 4.49
N PRO A 31 20.76 4.17 5.67
CA PRO A 31 21.01 3.08 6.62
C PRO A 31 19.74 2.57 7.29
N CYS A 32 19.75 1.27 7.61
CA CYS A 32 18.70 0.64 8.40
C CYS A 32 19.32 -0.04 9.62
N ARG A 33 20.03 0.71 10.45
CA ARG A 33 20.77 0.08 11.54
C ARG A 33 19.83 -0.53 12.58
N VAL A 34 18.67 0.09 12.80
CA VAL A 34 17.71 -0.42 13.78
C VAL A 34 17.13 -1.75 13.32
N ALA A 35 16.67 -1.80 12.06
CA ALA A 35 16.11 -3.04 11.50
C ALA A 35 17.10 -4.19 11.58
N LYS A 36 18.39 -3.90 11.51
CA LYS A 36 19.44 -4.90 11.53
C LYS A 36 19.95 -5.21 12.93
N LEU A 37 19.36 -4.64 13.97
CA LEU A 37 19.78 -4.99 15.32
C LEU A 37 19.40 -6.43 15.61
N PRO A 38 20.28 -7.19 16.26
CA PRO A 38 19.98 -8.60 16.51
C PRO A 38 18.65 -8.82 17.22
N LYS A 39 18.27 -7.92 18.14
CA LYS A 39 17.00 -8.08 18.84
C LYS A 39 15.79 -7.99 17.91
N ASN A 40 15.96 -7.47 16.70
CA ASN A 40 14.86 -7.27 15.77
C ASN A 40 14.83 -8.30 14.63
N LYS A 41 15.72 -9.28 14.66
CA LYS A 41 15.79 -10.24 13.57
C LYS A 41 14.44 -10.90 13.34
N ASN A 42 13.76 -11.32 14.40
CA ASN A 42 12.49 -12.01 14.28
C ASN A 42 11.31 -11.07 14.04
N ARG A 43 11.59 -9.78 13.83
CA ARG A 43 10.54 -8.83 13.50
C ARG A 43 10.50 -8.51 12.01
N ASN A 44 11.43 -9.04 11.23
CA ASN A 44 11.54 -8.77 9.79
C ASN A 44 11.16 -10.02 8.99
N ARG A 45 10.21 -9.88 8.07
CA ARG A 45 9.83 -11.04 7.27
C ARG A 45 10.92 -11.44 6.29
N TYR A 46 11.63 -10.47 5.71
CA TYR A 46 12.64 -10.74 4.69
C TYR A 46 13.94 -10.05 5.06
N ARG A 47 15.04 -10.83 5.15
CA ARG A 47 16.35 -10.26 5.47
C ARG A 47 16.69 -9.06 4.60
N ASP A 48 16.19 -9.01 3.37
CA ASP A 48 16.61 -8.02 2.39
C ASP A 48 15.65 -6.87 2.25
N VAL A 49 14.61 -6.81 3.07
CA VAL A 49 13.61 -5.74 2.98
C VAL A 49 13.49 -5.09 4.36
N SER A 50 14.08 -3.93 4.53
CA SER A 50 14.14 -3.23 5.81
C SER A 50 13.77 -1.78 5.65
N PRO A 51 13.16 -1.17 6.68
CA PRO A 51 12.89 0.27 6.65
C PRO A 51 14.16 1.07 6.93
N PHE A 52 14.31 2.17 6.19
CA PHE A 52 15.36 3.13 6.52
C PHE A 52 15.13 3.65 7.93
N ASP A 53 16.22 3.90 8.66
CA ASP A 53 16.09 4.49 9.98
C ASP A 53 15.34 5.82 9.92
N HIS A 54 15.63 6.65 8.92
CA HIS A 54 15.11 8.02 8.94
C HIS A 54 13.59 8.07 8.73
N SER A 55 12.99 7.05 8.11
CA SER A 55 11.57 7.10 7.82
C SER A 55 10.77 5.98 8.46
N ARG A 56 11.38 5.19 9.34
CA ARG A 56 10.64 4.09 9.97
C ARG A 56 9.62 4.63 10.96
N ILE A 57 8.51 3.90 11.08
CA ILE A 57 7.49 4.15 12.09
C ILE A 57 7.96 3.58 13.43
N LYS A 58 7.98 4.41 14.46
CA LYS A 58 8.32 3.94 15.80
C LYS A 58 7.03 3.59 16.55
N LEU A 59 7.01 2.40 17.15
CA LEU A 59 5.96 2.08 18.11
C LEU A 59 6.18 2.89 19.37
N HIS A 60 5.09 3.16 20.10
CA HIS A 60 5.18 4.09 21.22
C HIS A 60 5.39 3.42 22.57
N GLN A 61 5.01 2.16 22.74
CA GLN A 61 5.31 1.48 24.00
C GLN A 61 6.82 1.17 24.06
N GLU A 62 7.50 1.71 25.08
CA GLU A 62 8.93 1.99 25.12
C GLU A 62 9.81 0.78 25.45
N ASP A 63 9.30 -0.45 25.32
CA ASP A 63 10.17 -1.63 25.41
C ASP A 63 11.07 -1.67 24.18
N ASN A 64 10.51 -2.13 23.06
CA ASN A 64 11.15 -2.13 21.75
C ASN A 64 10.24 -1.39 20.78
N ASP A 65 10.75 -0.33 20.17
CA ASP A 65 9.93 0.51 19.31
C ASP A 65 9.90 0.06 17.85
N TYR A 66 10.45 -1.11 17.52
CA TYR A 66 10.69 -1.47 16.12
C TYR A 66 9.52 -2.19 15.48
N ILE A 67 9.16 -1.73 14.28
CA ILE A 67 8.30 -2.47 13.38
C ILE A 67 8.81 -2.22 11.98
N ASN A 68 8.65 -3.22 11.11
CA ASN A 68 9.11 -3.07 9.72
C ASN A 68 8.02 -2.33 8.98
N ALA A 69 8.16 -0.99 8.95
CA ALA A 69 7.18 -0.10 8.35
C ALA A 69 7.86 1.23 8.08
N SER A 70 7.46 1.88 6.97
CA SER A 70 8.02 3.17 6.56
C SER A 70 6.90 4.18 6.34
N LEU A 71 7.15 5.43 6.70
CA LEU A 71 6.28 6.55 6.35
C LEU A 71 6.72 7.15 5.03
N ILE A 72 5.93 6.92 3.98
CA ILE A 72 6.12 7.59 2.69
C ILE A 72 5.37 8.91 2.76
N LYS A 73 6.12 10.01 2.85
CA LYS A 73 5.57 11.36 2.97
C LYS A 73 5.83 12.10 1.65
N MET A 74 4.80 12.21 0.81
CA MET A 74 4.94 12.91 -0.47
C MET A 74 4.59 14.37 -0.26
N GLU A 75 5.61 15.24 -0.27
CA GLU A 75 5.41 16.64 0.07
C GLU A 75 4.53 17.33 -0.95
N GLU A 76 4.91 17.24 -2.23
CA GLU A 76 4.17 17.94 -3.29
C GLU A 76 2.74 17.42 -3.40
N ALA A 77 2.57 16.09 -3.40
CA ALA A 77 1.23 15.54 -3.48
C ALA A 77 0.40 15.77 -2.21
N GLN A 78 1.06 16.09 -1.09
CA GLN A 78 0.44 16.14 0.26
C GLN A 78 -0.48 14.95 0.53
N ARG A 79 0.11 13.77 0.43
CA ARG A 79 -0.46 12.54 0.94
C ARG A 79 0.65 11.73 1.58
N SER A 80 0.35 11.10 2.70
CA SER A 80 1.25 10.18 3.36
C SER A 80 0.67 8.78 3.31
N TYR A 81 1.54 7.80 3.12
CA TYR A 81 1.20 6.39 3.28
C TYR A 81 2.19 5.75 4.24
N ILE A 82 1.74 4.70 4.93
CA ILE A 82 2.61 3.81 5.69
C ILE A 82 2.71 2.50 4.93
N LEU A 83 3.91 2.16 4.47
CA LEU A 83 4.11 0.86 3.82
C LEU A 83 4.79 -0.11 4.80
N THR A 84 4.23 -1.31 4.92
CA THR A 84 4.73 -2.27 5.89
C THR A 84 4.65 -3.67 5.31
N GLN A 85 5.45 -4.58 5.86
CA GLN A 85 5.39 -5.98 5.47
C GLN A 85 4.11 -6.61 6.01
N GLY A 86 3.75 -7.76 5.46
CA GLY A 86 2.70 -8.55 6.06
C GLY A 86 3.12 -8.98 7.46
N PRO A 87 2.28 -8.72 8.46
CA PRO A 87 2.62 -9.08 9.85
C PRO A 87 2.96 -10.54 10.03
N LEU A 88 3.92 -10.78 10.90
CA LEU A 88 4.36 -12.11 11.29
C LEU A 88 3.52 -12.57 12.47
N PRO A 89 3.51 -13.88 12.77
CA PRO A 89 2.70 -14.36 13.91
C PRO A 89 2.92 -13.54 15.17
N ASN A 90 4.17 -13.08 15.41
CA ASN A 90 4.56 -12.35 16.60
C ASN A 90 4.52 -10.84 16.47
N THR A 91 4.10 -10.29 15.33
CA THR A 91 4.09 -8.82 15.18
C THR A 91 2.70 -8.27 14.89
N CYS A 92 1.64 -9.10 14.99
CA CYS A 92 0.29 -8.61 14.75
C CYS A 92 -0.15 -7.62 15.80
N GLY A 93 0.28 -7.82 17.06
CA GLY A 93 0.08 -6.80 18.06
C GLY A 93 0.72 -5.48 17.64
N HIS A 94 2.00 -5.54 17.26
CA HIS A 94 2.71 -4.33 16.83
C HIS A 94 1.98 -3.65 15.69
N PHE A 95 1.44 -4.45 14.76
CA PHE A 95 0.79 -3.90 13.58
C PHE A 95 -0.43 -3.07 13.99
N TRP A 96 -1.27 -3.63 14.86
CA TRP A 96 -2.46 -2.90 15.24
C TRP A 96 -2.12 -1.76 16.19
N GLU A 97 -1.05 -1.90 16.97
CA GLU A 97 -0.55 -0.77 17.74
C GLU A 97 -0.18 0.38 16.82
N MET A 98 0.60 0.09 15.78
CA MET A 98 0.92 1.09 14.77
C MET A 98 -0.34 1.76 14.21
N VAL A 99 -1.31 0.96 13.80
CA VAL A 99 -2.58 1.51 13.31
C VAL A 99 -3.18 2.47 14.32
N TRP A 100 -3.30 2.04 15.58
CA TRP A 100 -3.84 2.92 16.62
C TRP A 100 -3.00 4.19 16.76
N GLU A 101 -1.70 4.02 17.02
CA GLU A 101 -0.88 5.18 17.35
C GLU A 101 -0.83 6.18 16.22
N GLN A 102 -0.83 5.71 14.96
CA GLN A 102 -0.77 6.61 13.82
C GLN A 102 -2.13 7.15 13.38
N LYS A 103 -3.22 6.74 14.02
CA LYS A 103 -4.56 7.25 13.73
C LYS A 103 -4.99 6.91 12.31
N SER A 104 -4.50 5.80 11.78
CA SER A 104 -4.95 5.33 10.48
C SER A 104 -6.40 4.87 10.56
N ARG A 105 -7.11 5.06 9.43
CA ARG A 105 -8.51 4.69 9.31
C ARG A 105 -8.71 3.54 8.34
N GLY A 106 -7.76 3.31 7.45
CA GLY A 106 -7.87 2.25 6.46
C GLY A 106 -6.62 1.43 6.37
N VAL A 107 -6.79 0.13 6.12
CA VAL A 107 -5.70 -0.79 5.82
C VAL A 107 -5.94 -1.36 4.43
N VAL A 108 -4.96 -1.19 3.54
CA VAL A 108 -5.01 -1.74 2.20
C VAL A 108 -4.10 -2.98 2.17
N MET A 109 -4.71 -4.15 1.96
CA MET A 109 -3.98 -5.41 1.91
C MET A 109 -4.01 -5.88 0.47
N LEU A 110 -2.84 -6.11 -0.12
CA LEU A 110 -2.73 -6.40 -1.55
C LEU A 110 -2.30 -7.83 -1.83
N ASN A 111 -2.24 -8.68 -0.80
CA ASN A 111 -1.78 -10.06 -0.94
C ASN A 111 -2.82 -10.98 -0.34
N ARG A 112 -2.64 -12.27 -0.54
CA ARG A 112 -3.40 -13.26 0.19
C ARG A 112 -2.52 -13.84 1.29
N VAL A 113 -3.14 -14.47 2.27
CA VAL A 113 -2.40 -15.02 3.41
C VAL A 113 -1.50 -16.17 2.95
N MET A 114 -2.02 -17.04 2.10
CA MET A 114 -1.23 -18.07 1.44
C MET A 114 -1.03 -17.72 -0.03
N GLU A 115 0.22 -17.67 -0.46
CA GLU A 115 0.55 -17.39 -1.86
C GLU A 115 1.63 -18.38 -2.27
N LYS A 116 1.42 -19.08 -3.38
CA LYS A 116 2.43 -19.99 -3.90
C LYS A 116 2.83 -21.03 -2.85
N GLY A 117 1.83 -21.58 -2.15
CA GLY A 117 2.07 -22.63 -1.17
C GLY A 117 2.80 -22.23 0.10
N SER A 118 2.94 -20.93 0.37
CA SER A 118 3.64 -20.46 1.56
C SER A 118 2.82 -19.36 2.25
N LEU A 119 3.07 -19.20 3.55
CA LEU A 119 2.39 -18.19 4.35
C LEU A 119 3.14 -16.88 4.21
N LYS A 120 2.53 -15.95 3.46
CA LYS A 120 3.14 -14.69 3.10
C LYS A 120 2.67 -13.56 4.00
N CYS A 121 1.81 -13.87 4.97
CA CYS A 121 1.21 -12.89 5.87
C CYS A 121 0.47 -13.65 6.94
N ALA A 122 0.46 -13.12 8.15
CA ALA A 122 -0.29 -13.80 9.21
C ALA A 122 -1.78 -13.42 9.15
N GLN A 123 -2.62 -14.26 9.76
CA GLN A 123 -4.06 -14.01 9.82
C GLN A 123 -4.31 -13.01 10.95
N TYR A 124 -4.15 -11.73 10.62
CA TYR A 124 -4.05 -10.70 11.64
C TYR A 124 -5.37 -10.00 11.95
N TRP A 125 -6.47 -10.40 11.30
CA TRP A 125 -7.79 -9.85 11.57
C TRP A 125 -8.77 -10.99 11.74
N PRO A 126 -9.83 -10.81 12.52
CA PRO A 126 -10.76 -11.93 12.77
C PRO A 126 -11.60 -12.21 11.55
N GLN A 127 -11.91 -13.50 11.37
CA GLN A 127 -12.67 -13.96 10.20
C GLN A 127 -14.14 -14.20 10.51
N LYS A 128 -14.51 -14.25 11.78
CA LYS A 128 -15.90 -14.37 12.18
C LYS A 128 -16.18 -13.37 13.28
N GLU A 129 -17.32 -12.68 13.15
CA GLU A 129 -17.82 -11.75 14.16
C GLU A 129 -17.67 -12.27 15.59
N GLU A 130 -18.05 -13.53 15.83
CA GLU A 130 -18.16 -14.05 17.18
C GLU A 130 -16.83 -14.48 17.79
N LYS A 131 -15.72 -14.42 17.05
CA LYS A 131 -14.38 -14.65 17.62
C LYS A 131 -13.48 -13.47 17.36
N GLU A 132 -13.60 -12.50 18.25
CA GLU A 132 -12.72 -11.34 18.27
C GLU A 132 -11.28 -11.77 18.58
N MET A 133 -10.34 -10.92 18.18
CA MET A 133 -8.94 -11.09 18.54
C MET A 133 -8.60 -10.06 19.61
N ILE A 134 -7.95 -10.52 20.67
CA ILE A 134 -7.37 -9.63 21.67
C ILE A 134 -5.86 -9.80 21.64
N PHE A 135 -5.14 -8.69 21.46
CA PHE A 135 -3.69 -8.69 21.42
C PHE A 135 -3.20 -8.33 22.82
N GLU A 136 -2.79 -9.37 23.57
CA GLU A 136 -2.48 -9.23 24.98
C GLU A 136 -1.35 -8.23 25.20
N ASP A 137 -0.27 -8.35 24.40
CA ASP A 137 0.91 -7.51 24.56
C ASP A 137 0.58 -6.02 24.42
N THR A 138 -0.14 -5.64 23.36
CA THR A 138 -0.40 -4.23 23.06
C THR A 138 -1.71 -3.72 23.64
N ASN A 139 -2.51 -4.57 24.29
CA ASN A 139 -3.77 -4.14 24.89
C ASN A 139 -4.73 -3.58 23.84
N LEU A 140 -4.98 -4.38 22.80
CA LEU A 140 -5.92 -4.02 21.75
C LEU A 140 -6.89 -5.16 21.48
N LYS A 141 -8.12 -4.79 21.09
CA LYS A 141 -9.18 -5.75 20.78
C LYS A 141 -9.72 -5.44 19.39
N LEU A 142 -9.93 -6.48 18.60
CA LEU A 142 -10.25 -6.33 17.18
C LEU A 142 -11.45 -7.20 16.84
N THR A 143 -12.59 -6.59 16.54
CA THR A 143 -13.80 -7.31 16.18
C THR A 143 -14.11 -7.11 14.71
N LEU A 144 -14.50 -8.20 14.03
CA LEU A 144 -15.01 -8.11 12.68
C LEU A 144 -16.48 -7.70 12.75
N ILE A 145 -16.83 -6.59 12.11
CA ILE A 145 -18.18 -6.05 12.18
C ILE A 145 -19.01 -6.45 10.97
N SER A 146 -18.43 -6.39 9.77
CA SER A 146 -19.14 -6.78 8.56
C SER A 146 -18.14 -6.88 7.43
N GLU A 147 -18.59 -7.52 6.35
CA GLU A 147 -17.68 -7.96 5.29
C GLU A 147 -18.46 -7.95 3.98
N ASP A 148 -17.95 -7.24 2.98
CA ASP A 148 -18.53 -7.19 1.63
C ASP A 148 -17.55 -7.82 0.66
N ILE A 149 -17.88 -9.02 0.17
CA ILE A 149 -16.99 -9.80 -0.69
C ILE A 149 -17.36 -9.59 -2.15
N LYS A 150 -16.42 -9.05 -2.93
CA LYS A 150 -16.59 -8.85 -4.35
C LYS A 150 -15.71 -9.86 -5.09
N SER A 151 -15.83 -9.88 -6.42
CA SER A 151 -15.16 -10.89 -7.21
C SER A 151 -13.66 -10.92 -6.97
N TYR A 152 -13.01 -9.76 -6.92
CA TYR A 152 -11.56 -9.74 -6.85
C TYR A 152 -11.05 -8.87 -5.69
N TYR A 153 -11.93 -8.33 -4.85
CA TYR A 153 -11.52 -7.69 -3.63
C TYR A 153 -12.63 -7.80 -2.59
N THR A 154 -12.24 -7.64 -1.32
CA THR A 154 -13.16 -7.71 -0.19
C THR A 154 -12.94 -6.47 0.66
N VAL A 155 -14.03 -5.87 1.12
CA VAL A 155 -13.98 -4.72 2.03
C VAL A 155 -14.57 -5.14 3.36
N ARG A 156 -13.82 -4.94 4.44
CA ARG A 156 -14.26 -5.33 5.78
C ARG A 156 -14.28 -4.13 6.70
N GLN A 157 -15.20 -4.19 7.64
CA GLN A 157 -15.37 -3.16 8.65
C GLN A 157 -14.97 -3.78 9.98
N LEU A 158 -13.91 -3.23 10.59
CA LEU A 158 -13.37 -3.72 11.83
C LEU A 158 -13.54 -2.66 12.92
N GLU A 159 -13.75 -3.13 14.14
CA GLU A 159 -13.74 -2.28 15.32
C GLU A 159 -12.46 -2.57 16.08
N LEU A 160 -11.63 -1.54 16.26
CA LEU A 160 -10.39 -1.60 17.01
C LEU A 160 -10.61 -0.84 18.30
N GLU A 161 -10.44 -1.53 19.43
CA GLU A 161 -10.62 -0.94 20.75
C GLU A 161 -9.27 -0.90 21.45
N ASN A 162 -8.92 0.28 21.97
CA ASN A 162 -7.83 0.42 22.92
C ASN A 162 -8.35 -0.03 24.28
N LEU A 163 -7.95 -1.23 24.71
CA LEU A 163 -8.47 -1.76 25.96
C LEU A 163 -8.05 -0.93 27.17
N THR A 164 -6.98 -0.15 27.04
CA THR A 164 -6.59 0.77 28.10
C THR A 164 -7.61 1.89 28.24
N THR A 165 -7.80 2.66 27.17
CA THR A 165 -8.70 3.81 27.22
C THR A 165 -10.16 3.45 26.95
N GLN A 166 -10.44 2.26 26.40
CA GLN A 166 -11.79 1.84 26.01
C GLN A 166 -12.34 2.67 24.87
N GLU A 167 -11.53 3.53 24.27
CA GLU A 167 -11.90 4.19 23.04
C GLU A 167 -11.88 3.18 21.89
N THR A 168 -12.81 3.33 20.95
CA THR A 168 -12.96 2.41 19.83
C THR A 168 -12.95 3.18 18.53
N ARG A 169 -12.34 2.61 17.50
CA ARG A 169 -12.34 3.22 16.17
C ARG A 169 -12.82 2.23 15.12
N GLU A 170 -13.41 2.76 14.06
CA GLU A 170 -13.73 1.96 12.89
C GLU A 170 -12.54 1.95 11.95
N ILE A 171 -12.06 0.76 11.60
CA ILE A 171 -11.00 0.58 10.60
C ILE A 171 -11.61 -0.10 9.38
N LEU A 172 -11.34 0.44 8.20
CA LEU A 172 -11.78 -0.17 6.96
C LEU A 172 -10.63 -0.98 6.37
N HIS A 173 -10.92 -2.22 5.99
CA HIS A 173 -9.94 -3.17 5.46
C HIS A 173 -10.27 -3.40 3.99
N PHE A 174 -9.35 -3.04 3.12
CA PHE A 174 -9.52 -3.15 1.68
C PHE A 174 -8.54 -4.19 1.18
N HIS A 175 -9.06 -5.28 0.62
CA HIS A 175 -8.28 -6.49 0.43
C HIS A 175 -8.35 -6.94 -1.03
N TYR A 176 -7.35 -6.54 -1.82
CA TYR A 176 -7.19 -7.04 -3.18
C TYR A 176 -6.85 -8.52 -3.14
N THR A 177 -7.74 -9.36 -3.66
CA THR A 177 -7.55 -10.80 -3.54
C THR A 177 -7.05 -11.44 -4.83
N ASN A 178 -6.88 -10.65 -5.89
CA ASN A 178 -6.68 -11.10 -7.26
C ASN A 178 -5.24 -11.00 -7.75
N TRP A 179 -4.30 -10.59 -6.90
CA TRP A 179 -3.04 -10.00 -7.37
C TRP A 179 -1.84 -10.79 -6.89
N PRO A 180 -1.35 -11.74 -7.70
CA PRO A 180 -0.12 -12.45 -7.33
C PRO A 180 1.09 -11.53 -7.34
N ASP A 181 2.07 -11.86 -6.50
CA ASP A 181 3.27 -11.05 -6.42
C ASP A 181 4.06 -11.12 -7.73
N GLN A 182 4.78 -10.03 -8.00
CA GLN A 182 5.71 -9.89 -9.12
C GLN A 182 4.99 -9.73 -10.46
N THR A 183 3.67 -9.89 -10.46
CA THR A 183 2.91 -9.64 -11.69
C THR A 183 2.16 -8.33 -11.53
N ALA A 184 1.73 -7.80 -12.66
CA ALA A 184 0.84 -6.66 -12.65
C ALA A 184 -0.60 -7.16 -12.50
N PRO A 185 -1.52 -6.30 -12.08
CA PRO A 185 -2.94 -6.68 -12.11
C PRO A 185 -3.36 -6.99 -13.53
N GLU A 186 -4.52 -7.64 -13.65
CA GLU A 186 -4.97 -8.13 -14.95
C GLU A 186 -5.18 -6.97 -15.92
N SER A 187 -5.90 -5.95 -15.47
CA SER A 187 -6.15 -4.74 -16.23
C SER A 187 -6.03 -3.56 -15.27
N PRO A 188 -5.75 -2.38 -15.81
CA PRO A 188 -5.83 -1.19 -14.94
C PRO A 188 -7.23 -1.01 -14.38
N ALA A 189 -8.25 -1.48 -15.10
CA ALA A 189 -9.64 -1.21 -14.75
C ALA A 189 -10.01 -1.78 -13.39
N SER A 190 -9.73 -3.07 -13.18
CA SER A 190 -9.99 -3.63 -11.86
C SER A 190 -9.11 -2.97 -10.81
N PHE A 191 -7.86 -2.63 -11.17
CA PHE A 191 -7.00 -1.97 -10.20
C PHE A 191 -7.55 -0.60 -9.80
N LEU A 192 -7.97 0.19 -10.79
CA LEU A 192 -8.44 1.54 -10.51
C LEU A 192 -9.77 1.52 -9.77
N ASN A 193 -10.64 0.59 -10.14
CA ASN A 193 -11.90 0.43 -9.41
C ASN A 193 -11.62 0.20 -7.93
N PHE A 194 -10.58 -0.56 -7.62
CA PHE A 194 -10.21 -0.79 -6.22
C PHE A 194 -9.63 0.48 -5.60
N LEU A 195 -8.64 1.10 -6.27
CA LEU A 195 -8.06 2.33 -5.75
C LEU A 195 -9.12 3.37 -5.48
N PHE A 196 -10.14 3.44 -6.34
CA PHE A 196 -11.14 4.46 -6.16
C PHE A 196 -12.16 4.09 -5.11
N LYS A 197 -12.37 2.80 -4.81
CA LYS A 197 -13.12 2.47 -3.60
C LYS A 197 -12.38 2.94 -2.36
N VAL A 198 -11.06 2.72 -2.32
CA VAL A 198 -10.29 3.18 -1.17
C VAL A 198 -10.42 4.69 -1.02
N ARG A 199 -10.29 5.40 -2.15
CA ARG A 199 -10.39 6.87 -2.13
C ARG A 199 -11.75 7.33 -1.64
N GLU A 200 -12.82 6.71 -2.14
CA GLU A 200 -14.18 7.17 -1.84
C GLU A 200 -14.54 6.96 -0.37
N SER A 201 -13.91 5.98 0.29
CA SER A 201 -14.17 5.68 1.70
C SER A 201 -13.73 6.79 2.65
N GLY A 202 -12.93 7.77 2.20
CA GLY A 202 -12.36 8.74 3.10
C GLY A 202 -11.12 8.28 3.84
N SER A 203 -10.69 7.02 3.66
CA SER A 203 -9.54 6.55 4.41
C SER A 203 -8.27 7.28 4.04
N LEU A 204 -8.23 7.92 2.87
CA LEU A 204 -7.05 8.66 2.44
C LEU A 204 -7.11 10.15 2.79
N SER A 205 -8.23 10.64 3.34
CA SER A 205 -8.37 12.00 3.80
C SER A 205 -7.22 12.42 4.72
N PRO A 206 -6.78 13.68 4.68
CA PRO A 206 -5.73 14.14 5.61
C PRO A 206 -6.22 14.32 7.03
N GLU A 207 -7.54 14.29 7.26
CA GLU A 207 -8.06 14.38 8.62
C GLU A 207 -7.71 13.14 9.43
N HIS A 208 -7.43 12.03 8.77
CA HIS A 208 -6.98 10.80 9.42
C HIS A 208 -5.48 10.66 9.29
N GLY A 209 -4.94 9.69 10.03
CA GLY A 209 -3.57 9.33 9.85
C GLY A 209 -3.33 8.69 8.49
N PRO A 210 -2.06 8.40 8.21
CA PRO A 210 -1.73 7.75 6.94
C PRO A 210 -2.39 6.39 6.80
N VAL A 211 -2.93 6.14 5.61
CA VAL A 211 -3.37 4.80 5.27
C VAL A 211 -2.21 3.82 5.41
N VAL A 212 -2.51 2.62 5.93
CA VAL A 212 -1.53 1.54 5.98
C VAL A 212 -1.71 0.65 4.76
N VAL A 213 -0.63 0.44 4.01
CA VAL A 213 -0.62 -0.39 2.81
C VAL A 213 0.40 -1.52 3.02
N HIS A 214 0.00 -2.75 2.72
CA HIS A 214 0.97 -3.83 2.80
C HIS A 214 0.65 -4.90 1.77
N CYS A 215 1.72 -5.56 1.32
CA CYS A 215 1.59 -6.87 0.66
C CYS A 215 2.33 -7.86 1.55
N SER A 216 3.31 -8.59 1.01
CA SER A 216 4.08 -9.50 1.83
C SER A 216 5.35 -8.82 2.33
N ALA A 217 6.18 -8.31 1.39
CA ALA A 217 7.32 -7.48 1.75
C ALA A 217 6.94 -6.02 1.98
N GLY A 218 5.81 -5.58 1.42
CA GLY A 218 5.48 -4.16 1.45
C GLY A 218 6.28 -3.29 0.51
N ILE A 219 6.68 -3.79 -0.66
CA ILE A 219 7.40 -2.92 -1.58
C ILE A 219 6.90 -3.06 -3.02
N GLY A 220 6.56 -4.29 -3.43
CA GLY A 220 6.22 -4.54 -4.82
C GLY A 220 4.83 -4.06 -5.17
N ARG A 221 3.83 -4.86 -4.78
CA ARG A 221 2.43 -4.49 -4.98
C ARG A 221 2.05 -3.25 -4.19
N SER A 222 2.60 -3.10 -2.97
CA SER A 222 2.33 -1.91 -2.17
C SER A 222 2.84 -0.66 -2.85
N GLY A 223 4.03 -0.76 -3.46
CA GLY A 223 4.59 0.38 -4.17
C GLY A 223 3.80 0.72 -5.42
N THR A 224 3.30 -0.31 -6.11
CA THR A 224 2.47 -0.07 -7.28
C THR A 224 1.25 0.76 -6.90
N PHE A 225 0.52 0.33 -5.87
CA PHE A 225 -0.67 1.04 -5.42
C PHE A 225 -0.34 2.48 -5.04
N CYS A 226 0.74 2.68 -4.29
N CYS A 226 0.75 2.65 -4.27
CA CYS A 226 1.05 4.03 -3.81
CA CYS A 226 1.15 3.96 -3.77
C CYS A 226 1.51 4.94 -4.93
C CYS A 226 1.53 4.91 -4.91
N LEU A 227 2.31 4.43 -5.88
CA LEU A 227 2.76 5.28 -6.97
C LEU A 227 1.61 5.73 -7.85
N ALA A 228 0.66 4.85 -8.14
CA ALA A 228 -0.47 5.22 -8.98
C ALA A 228 -1.30 6.30 -8.32
N ASP A 229 -1.60 6.13 -7.03
CA ASP A 229 -2.42 7.12 -6.32
C ASP A 229 -1.73 8.49 -6.29
N THR A 230 -0.43 8.53 -6.05
CA THR A 230 0.25 9.80 -5.92
C THR A 230 0.34 10.52 -7.26
N CYS A 231 0.64 9.78 -8.33
CA CYS A 231 0.66 10.39 -9.64
C CYS A 231 -0.70 10.96 -10.02
N LEU A 232 -1.78 10.22 -9.71
CA LEU A 232 -3.13 10.70 -10.00
C LEU A 232 -3.45 11.95 -9.21
N LEU A 233 -3.08 11.96 -7.94
CA LEU A 233 -3.32 13.11 -7.08
C LEU A 233 -2.51 14.32 -7.53
N LEU A 234 -1.30 14.08 -8.01
CA LEU A 234 -0.43 15.16 -8.48
C LEU A 234 -1.02 15.83 -9.70
N MET A 235 -1.32 15.04 -10.73
CA MET A 235 -1.89 15.67 -11.91
C MET A 235 -3.26 16.25 -11.62
N ASP A 236 -3.97 15.73 -10.61
CA ASP A 236 -5.23 16.32 -10.17
C ASP A 236 -5.01 17.73 -9.61
N LYS A 237 -3.95 17.90 -8.80
CA LYS A 237 -3.68 19.20 -8.16
C LYS A 237 -3.32 20.27 -9.16
N ARG A 238 -2.51 19.91 -10.16
CA ARG A 238 -2.16 20.84 -11.24
C ARG A 238 -3.22 20.93 -12.35
N LYS A 239 -4.10 19.92 -12.44
CA LYS A 239 -4.99 19.67 -13.60
C LYS A 239 -4.24 19.83 -14.92
N ASP A 240 -3.06 19.16 -14.99
CA ASP A 240 -2.02 19.34 -16.00
C ASP A 240 -1.25 18.04 -16.07
N PRO A 241 -1.90 16.90 -16.51
CA PRO A 241 -1.23 15.58 -16.51
C PRO A 241 0.14 15.60 -17.16
N SER A 242 0.25 16.47 -18.19
CA SER A 242 1.50 16.64 -18.92
C SER A 242 2.73 16.63 -18.00
N SER A 243 2.60 17.23 -16.81
CA SER A 243 3.74 17.58 -15.96
C SER A 243 4.10 16.51 -14.94
N VAL A 244 3.37 15.40 -14.88
CA VAL A 244 3.70 14.33 -13.93
C VAL A 244 4.74 13.43 -14.56
N ASP A 245 5.89 13.27 -13.89
CA ASP A 245 6.95 12.36 -14.31
C ASP A 245 6.92 11.18 -13.35
N ILE A 246 6.48 10.02 -13.86
CA ILE A 246 6.30 8.87 -12.99
C ILE A 246 7.62 8.40 -12.42
N LYS A 247 8.69 8.40 -13.24
CA LYS A 247 9.97 7.92 -12.73
C LYS A 247 10.49 8.81 -11.62
N LYS A 248 10.33 10.13 -11.74
CA LYS A 248 10.81 10.99 -10.66
C LYS A 248 9.95 10.87 -9.41
N VAL A 249 8.66 10.56 -9.56
CA VAL A 249 7.84 10.26 -8.39
C VAL A 249 8.29 8.96 -7.73
N LEU A 250 8.51 7.91 -8.51
CA LEU A 250 8.97 6.65 -7.93
C LEU A 250 10.27 6.86 -7.15
N LEU A 251 11.21 7.61 -7.73
CA LEU A 251 12.49 7.79 -7.06
C LEU A 251 12.34 8.63 -5.79
N GLU A 252 11.38 9.58 -5.78
CA GLU A 252 11.07 10.29 -4.55
C GLU A 252 10.51 9.34 -3.49
N MET A 253 9.58 8.47 -3.90
CA MET A 253 9.05 7.47 -2.96
C MET A 253 10.15 6.58 -2.39
N ARG A 254 11.13 6.23 -3.22
CA ARG A 254 12.23 5.36 -2.80
C ARG A 254 13.24 6.07 -1.89
N LYS A 255 13.06 7.36 -1.62
CA LYS A 255 13.82 7.98 -0.54
C LYS A 255 13.33 7.51 0.83
N PHE A 256 12.11 6.97 0.88
CA PHE A 256 11.45 6.63 2.14
C PHE A 256 11.34 5.13 2.40
N ARG A 257 11.47 4.28 1.38
CA ARG A 257 11.40 2.84 1.53
C ARG A 257 12.08 2.22 0.31
N MET A 258 13.03 1.33 0.57
CA MET A 258 13.77 0.65 -0.49
C MET A 258 12.83 -0.21 -1.34
N GLY A 259 13.23 -0.41 -2.60
CA GLY A 259 12.67 -1.46 -3.45
C GLY A 259 11.23 -1.30 -3.90
N LEU A 260 10.63 -0.11 -3.73
CA LEU A 260 9.25 0.12 -4.18
C LEU A 260 9.13 -0.15 -5.68
N ILE A 261 8.24 -1.08 -6.01
CA ILE A 261 7.99 -1.61 -7.36
C ILE A 261 9.11 -2.56 -7.72
N GLN A 262 8.76 -3.83 -7.87
CA GLN A 262 9.71 -4.93 -7.83
C GLN A 262 10.07 -5.50 -9.19
N THR A 263 9.25 -5.26 -10.22
CA THR A 263 9.56 -5.74 -11.56
C THR A 263 9.34 -4.63 -12.60
N ALA A 264 9.97 -4.82 -13.76
CA ALA A 264 9.72 -3.94 -14.89
C ALA A 264 8.24 -3.92 -15.26
N ASP A 265 7.57 -5.07 -15.18
CA ASP A 265 6.17 -5.14 -15.56
C ASP A 265 5.29 -4.29 -14.66
N GLN A 266 5.59 -4.28 -13.35
CA GLN A 266 4.85 -3.43 -12.41
C GLN A 266 5.09 -1.95 -12.72
N LEU A 267 6.29 -1.60 -13.18
CA LEU A 267 6.51 -0.23 -13.61
C LEU A 267 5.65 0.10 -14.82
N ARG A 268 5.65 -0.78 -15.82
CA ARG A 268 4.83 -0.55 -17.00
C ARG A 268 3.35 -0.48 -16.64
N PHE A 269 2.93 -1.28 -15.67
CA PHE A 269 1.53 -1.24 -15.27
C PHE A 269 1.18 0.11 -14.65
N SER A 270 2.02 0.57 -13.74
CA SER A 270 1.83 1.88 -13.12
C SER A 270 1.57 2.95 -14.17
N TYR A 271 2.38 2.98 -15.23
CA TYR A 271 2.13 3.90 -16.33
C TYR A 271 0.73 3.69 -16.90
N LEU A 272 0.33 2.43 -17.08
CA LEU A 272 -0.97 2.16 -17.68
C LEU A 272 -2.09 2.65 -16.79
N ALA A 273 -1.99 2.33 -15.49
CA ALA A 273 -3.04 2.70 -14.54
C ALA A 273 -3.20 4.21 -14.45
N VAL A 274 -2.08 4.94 -14.32
CA VAL A 274 -2.14 6.39 -14.25
C VAL A 274 -2.71 6.98 -15.53
N ILE A 275 -2.20 6.56 -16.69
CA ILE A 275 -2.73 7.08 -17.97
C ILE A 275 -4.24 6.86 -18.03
N GLU A 276 -4.69 5.67 -17.64
CA GLU A 276 -6.11 5.38 -17.69
C GLU A 276 -6.88 6.15 -16.62
N GLY A 277 -6.33 6.22 -15.40
CA GLY A 277 -7.01 6.91 -14.32
C GLY A 277 -7.15 8.40 -14.58
N ALA A 278 -6.22 8.96 -15.37
CA ALA A 278 -6.26 10.39 -15.68
C ALA A 278 -7.49 10.76 -16.50
N LYS A 279 -8.02 9.81 -17.29
CA LYS A 279 -9.27 10.07 -17.98
C LYS A 279 -10.35 10.52 -16.99
N PHE A 280 -10.43 9.86 -15.83
CA PHE A 280 -11.36 10.26 -14.78
C PHE A 280 -10.97 11.61 -14.18
N ILE A 281 -9.76 11.72 -13.64
CA ILE A 281 -9.22 12.93 -13.03
C ILE A 281 -9.55 14.18 -13.86
N MET A 282 -9.51 14.05 -15.18
CA MET A 282 -9.62 15.21 -16.06
C MET A 282 -11.04 15.44 -16.56
N GLY A 283 -12.04 14.82 -15.95
CA GLY A 283 -13.42 15.22 -16.13
C GLY A 283 -14.34 14.22 -16.79
N ASP A 284 -13.88 13.02 -17.11
CA ASP A 284 -14.73 12.00 -17.71
C ASP A 284 -15.24 11.15 -16.56
N SER A 285 -16.27 11.66 -15.87
CA SER A 285 -16.76 11.01 -14.65
C SER A 285 -17.27 9.59 -14.93
N SER A 286 -17.80 9.34 -16.12
CA SER A 286 -18.40 8.06 -16.47
C SER A 286 -17.39 6.94 -16.78
N VAL A 287 -16.09 7.24 -16.88
CA VAL A 287 -15.11 6.17 -17.07
C VAL A 287 -15.02 5.30 -15.80
N GLN A 288 -15.40 5.85 -14.64
CA GLN A 288 -15.39 5.08 -13.41
C GLN A 288 -16.45 3.99 -13.42
N ASP A 289 -17.66 4.29 -13.91
CA ASP A 289 -18.66 3.25 -14.13
C ASP A 289 -18.15 2.22 -15.15
N GLN A 290 -17.38 2.68 -16.14
CA GLN A 290 -16.84 1.80 -17.18
C GLN A 290 -15.79 0.86 -16.61
N TRP A 291 -14.97 1.34 -15.66
CA TRP A 291 -14.06 0.43 -14.95
C TRP A 291 -14.83 -0.61 -14.15
N LYS A 292 -15.96 -0.21 -13.55
CA LYS A 292 -16.71 -1.12 -12.70
C LYS A 292 -17.24 -2.30 -13.50
N GLU A 293 -17.62 -2.08 -14.76
CA GLU A 293 -18.14 -3.16 -15.59
C GLU A 293 -17.03 -4.09 -16.05
N LEU A 294 -15.86 -3.55 -16.41
CA LEU A 294 -14.75 -4.40 -16.83
C LEU A 294 -14.06 -5.10 -15.66
N SER A 295 -14.34 -4.69 -14.42
CA SER A 295 -13.80 -5.37 -13.24
C SER A 295 -14.55 -6.67 -12.91
N HIS A 296 -15.83 -6.75 -13.26
CA HIS A 296 -16.68 -7.94 -13.07
C HIS A 296 -16.73 -8.39 -11.60
N GLU A 297 -17.13 -7.45 -10.71
CA GLU A 297 -17.26 -7.78 -9.28
C GLU A 297 -18.40 -8.83 -8.94
N ASP A 298 -19.08 -9.49 -9.89
CA ASP A 298 -20.14 -10.46 -9.62
C ASP A 298 -21.27 -9.82 -8.82
C TRS B . 13.39 12.69 8.97
C1 TRS B . 13.73 12.01 10.29
C2 TRS B . 12.64 13.98 9.20
C3 TRS B . 12.50 11.78 8.12
N TRS B . 14.60 13.02 8.24
O1 TRS B . 14.30 12.96 11.14
O2 TRS B . 12.52 14.59 7.94
O3 TRS B . 12.93 11.85 6.78
C1 BEN C . -3.10 -12.87 17.70
C2 BEN C . -1.79 -13.31 17.73
C3 BEN C . -1.15 -13.66 16.56
C4 BEN C . -1.83 -13.58 15.35
C5 BEN C . -3.14 -13.16 15.32
C6 BEN C . -3.78 -12.80 16.49
C BEN C . -3.81 -12.48 18.99
N1 BEN C . -3.16 -11.87 19.89
N2 BEN C . -5.22 -12.84 19.16
MG MG D . 2.14 -14.32 -5.21
W WO4 E . 5.64 -7.88 -2.55
O1 WO4 E . 6.41 -6.36 -1.75
O2 WO4 E . 4.77 -9.07 -1.36
O3 WO4 E . 7.02 -8.77 -3.50
O4 WO4 E . 4.32 -7.41 -3.83
#